data_5JGK
#
_entry.id   5JGK
#
_cell.length_a   48.748
_cell.length_b   109.301
_cell.length_c   59.856
_cell.angle_alpha   90.000
_cell.angle_beta   112.250
_cell.angle_gamma   90.000
#
_symmetry.space_group_name_H-M   'P 1 21 1'
#
loop_
_entity.id
_entity.type
_entity.pdbx_description
1 polymer 'UbiE/COQ5 family methyltransferase, putative'
2 non-polymer S-ADENOSYL-L-HOMOCYSTEINE
3 non-polymer 'SULFATE ION'
4 water water
#
_entity_poly.entity_id   1
_entity_poly.type   'polypeptide(L)'
_entity_poly.pdbx_seq_one_letter_code
;GHMSKSDYIQNMFQTKSFVDRYKYTEKLTGLYAQTLVDYSGVANTSQKPLIVLDNACGIGAVSSVLNHTLQDEAKKTWKL
TCGDLSEGMLETTKRRLQDEGWVNAETKIVNALDTGLPDGHYTHVFVAFGFQSFPDANAALKECFRILASGGILASSTWQ
NFNWIPIMKAAIETIPGNLPFPTQKEFIALHNAGWDSESYIQSELEKLGFRDVKVIPVPKETSIPIDEFFEVCMMIIPYL
LPKFWTEEQRESHEKDVPMVLRQYLQDTYGANGQVPLEAVALITTGLKP
;
_entity_poly.pdbx_strand_id   A,B
#
loop_
_chem_comp.id
_chem_comp.type
_chem_comp.name
_chem_comp.formula
SAH non-polymer S-ADENOSYL-L-HOMOCYSTEINE 'C14 H20 N6 O5 S'
SO4 non-polymer 'SULFATE ION' 'O4 S -2'
#
# COMPACT_ATOMS: atom_id res chain seq x y z
N ILE A 9 15.18 7.41 -1.13
CA ILE A 9 13.73 7.35 -1.29
C ILE A 9 13.05 8.14 -0.17
N GLN A 10 12.10 8.99 -0.52
CA GLN A 10 11.40 9.82 0.45
C GLN A 10 10.09 9.18 0.88
N ASN A 11 9.69 9.48 2.12
CA ASN A 11 8.34 9.23 2.61
C ASN A 11 7.52 10.50 2.40
N MET A 12 6.34 10.34 1.78
CA MET A 12 5.47 11.46 1.44
C MET A 12 5.24 12.40 2.63
N PHE A 13 5.02 11.83 3.80
CA PHE A 13 4.66 12.62 4.97
C PHE A 13 5.80 13.46 5.49
N GLN A 14 7.03 13.22 5.03
CA GLN A 14 8.18 13.97 5.49
C GLN A 14 8.59 15.08 4.54
N THR A 15 7.96 15.17 3.36
CA THR A 15 8.30 16.19 2.39
CA THR A 15 8.31 16.20 2.39
C THR A 15 7.73 17.55 2.81
N LYS A 16 8.50 18.61 2.59
CA LYS A 16 8.04 19.95 2.91
C LYS A 16 6.78 20.31 2.13
N SER A 17 6.73 19.93 0.85
CA SER A 17 5.57 20.24 0.03
C SER A 17 4.29 19.68 0.65
N PHE A 18 4.35 18.47 1.19
CA PHE A 18 3.16 17.85 1.76
C PHE A 18 2.79 18.52 3.09
N VAL A 19 3.76 18.66 3.98
CA VAL A 19 3.48 19.25 5.29
C VAL A 19 2.92 20.66 5.12
N ASP A 20 3.43 21.41 4.14
CA ASP A 20 3.03 22.81 3.98
C ASP A 20 1.58 22.94 3.53
N ARG A 21 1.04 21.95 2.83
CA ARG A 21 -0.36 21.98 2.43
C ARG A 21 -1.26 21.29 3.43
N TYR A 22 -0.70 20.61 4.44
CA TYR A 22 -1.54 19.81 5.31
C TYR A 22 -2.53 20.65 6.10
N LYS A 23 -2.24 21.93 6.32
CA LYS A 23 -3.23 22.74 7.02
C LYS A 23 -4.55 22.78 6.28
N TYR A 24 -4.53 22.68 4.93
CA TYR A 24 -5.80 22.63 4.21
C TYR A 24 -6.46 21.27 4.38
N THR A 25 -5.67 20.20 4.38
CA THR A 25 -6.23 18.86 4.58
C THR A 25 -6.76 18.68 6.00
N GLU A 26 -6.18 19.37 6.97
CA GLU A 26 -6.70 19.32 8.32
C GLU A 26 -8.11 19.87 8.39
N LYS A 27 -8.54 20.67 7.40
CA LYS A 27 -9.95 21.04 7.37
C LYS A 27 -10.84 19.82 7.25
N LEU A 28 -10.32 18.73 6.66
CA LEU A 28 -11.05 17.48 6.50
C LEU A 28 -10.89 16.58 7.72
N THR A 29 -9.66 16.29 8.13
CA THR A 29 -9.48 15.45 9.31
C THR A 29 -9.99 16.13 10.57
N GLY A 30 -9.88 17.45 10.62
CA GLY A 30 -10.32 18.20 11.77
C GLY A 30 -11.82 18.13 11.99
N LEU A 31 -12.57 17.72 10.96
CA LEU A 31 -14.01 17.52 11.11
C LEU A 31 -14.32 16.54 12.23
N TYR A 32 -13.38 15.69 12.60
CA TYR A 32 -13.61 14.61 13.55
C TYR A 32 -12.73 14.69 14.78
N ALA A 33 -11.95 15.75 14.96
CA ALA A 33 -11.08 15.83 16.12
C ALA A 33 -11.92 16.00 17.39
N GLN A 34 -12.91 16.90 17.36
CA GLN A 34 -13.80 17.04 18.50
C GLN A 34 -14.57 15.76 18.76
N THR A 35 -15.05 15.10 17.69
CA THR A 35 -15.76 13.84 17.83
C THR A 35 -14.92 12.84 18.59
N LEU A 36 -13.66 12.67 18.18
CA LEU A 36 -12.82 11.63 18.75
C LEU A 36 -12.53 11.93 20.22
N VAL A 37 -12.20 13.18 20.52
CA VAL A 37 -11.91 13.53 21.91
C VAL A 37 -13.14 13.34 22.77
N ASP A 38 -14.31 13.81 22.31
CA ASP A 38 -15.50 13.68 23.14
C ASP A 38 -15.94 12.22 23.28
N TYR A 39 -15.86 11.43 22.21
CA TYR A 39 -16.30 10.03 22.33
C TYR A 39 -15.36 9.21 23.21
N SER A 40 -14.10 9.61 23.33
CA SER A 40 -13.13 8.85 24.12
C SER A 40 -13.44 8.89 25.61
N GLY A 41 -14.19 9.89 26.09
CA GLY A 41 -14.45 10.07 27.49
C GLY A 41 -13.35 10.74 28.26
N VAL A 42 -12.29 11.18 27.60
CA VAL A 42 -11.13 11.73 28.30
C VAL A 42 -11.49 12.93 29.17
N ALA A 43 -12.51 13.70 28.80
CA ALA A 43 -12.92 14.84 29.61
C ALA A 43 -13.77 14.46 30.81
N ASN A 44 -14.24 13.21 30.89
CA ASN A 44 -15.13 12.78 31.97
C ASN A 44 -14.55 11.63 32.78
N THR A 45 -13.37 11.13 32.44
CA THR A 45 -12.89 9.86 32.95
C THR A 45 -12.51 9.94 34.42
N SER A 46 -12.44 8.76 35.05
CA SER A 46 -11.93 8.60 36.40
C SER A 46 -10.44 8.28 36.43
N GLN A 47 -9.82 8.00 35.29
CA GLN A 47 -8.38 7.85 35.24
C GLN A 47 -7.72 9.18 35.59
N LYS A 48 -6.77 9.14 36.51
CA LYS A 48 -6.03 10.36 36.88
C LYS A 48 -4.65 9.97 37.42
N PRO A 49 -3.60 10.73 37.05
CA PRO A 49 -3.57 11.81 36.06
C PRO A 49 -3.69 11.25 34.65
N LEU A 50 -4.02 12.12 33.71
CA LEU A 50 -4.11 11.73 32.32
C LEU A 50 -2.72 11.67 31.72
N ILE A 51 -2.42 10.58 31.01
CA ILE A 51 -1.16 10.41 30.30
C ILE A 51 -1.54 10.05 28.89
N VAL A 52 -1.38 10.98 27.96
CA VAL A 52 -2.05 10.93 26.66
C VAL A 52 -1.02 10.94 25.54
N LEU A 53 -1.21 10.05 24.56
CA LEU A 53 -0.46 10.06 23.32
C LEU A 53 -1.42 10.43 22.17
N ASP A 54 -1.09 11.50 21.45
CA ASP A 54 -1.67 11.81 20.15
C ASP A 54 -0.73 11.16 19.13
N ASN A 55 -1.09 9.97 18.68
CA ASN A 55 -0.24 9.10 17.87
C ASN A 55 -0.53 9.40 16.40
N ALA A 56 0.50 9.68 15.62
CA ALA A 56 0.36 10.14 14.25
C ALA A 56 -0.40 11.47 14.25
N CYS A 57 0.10 12.39 15.07
CA CYS A 57 -0.62 13.61 15.43
C CYS A 57 -0.72 14.62 14.29
N GLY A 58 0.08 14.49 13.25
CA GLY A 58 -0.02 15.42 12.14
C GLY A 58 0.46 16.79 12.58
N ILE A 59 -0.36 17.80 12.33
CA ILE A 59 -0.06 19.15 12.80
C ILE A 59 -0.83 19.46 14.09
N GLY A 60 -1.37 18.44 14.73
CA GLY A 60 -1.87 18.57 16.08
C GLY A 60 -3.36 18.69 16.25
N ALA A 61 -4.16 18.16 15.33
CA ALA A 61 -5.61 18.37 15.42
C ALA A 61 -6.18 17.90 16.76
N VAL A 62 -5.86 16.68 17.17
CA VAL A 62 -6.41 16.14 18.41
C VAL A 62 -5.82 16.87 19.62
N SER A 63 -4.50 17.07 19.62
CA SER A 63 -3.86 17.76 20.72
C SER A 63 -4.47 19.14 20.93
N SER A 64 -4.77 19.85 19.85
CA SER A 64 -5.37 21.17 19.99
C SER A 64 -6.73 21.07 20.67
N VAL A 65 -7.57 20.15 20.21
CA VAL A 65 -8.88 19.96 20.85
C VAL A 65 -8.71 19.58 22.32
N LEU A 66 -7.78 18.66 22.63
CA LEU A 66 -7.59 18.28 24.02
C LEU A 66 -7.26 19.48 24.89
N ASN A 67 -6.37 20.35 24.42
CA ASN A 67 -5.98 21.50 25.20
C ASN A 67 -7.11 22.51 25.36
N HIS A 68 -8.11 22.52 24.46
CA HIS A 68 -9.23 23.42 24.60
CA HIS A 68 -9.23 23.42 24.60
C HIS A 68 -10.42 22.80 25.32
N THR A 69 -10.46 21.48 25.43
CA THR A 69 -11.58 20.76 26.01
C THR A 69 -11.36 20.36 27.46
N LEU A 70 -10.12 20.06 27.85
CA LEU A 70 -9.84 19.54 29.19
C LEU A 70 -9.83 20.64 30.26
N GLN A 71 -10.25 20.27 31.48
CA GLN A 71 -10.22 21.19 32.62
C GLN A 71 -8.80 21.63 32.95
N ASP A 72 -8.68 22.85 33.49
CA ASP A 72 -7.36 23.34 33.90
C ASP A 72 -6.74 22.44 34.97
N GLU A 73 -7.55 21.98 35.92
CA GLU A 73 -7.04 21.10 36.96
C GLU A 73 -6.43 19.84 36.37
N ALA A 74 -7.08 19.26 35.36
CA ALA A 74 -6.55 18.05 34.76
C ALA A 74 -5.28 18.32 33.98
N LYS A 75 -5.17 19.49 33.35
CA LYS A 75 -3.95 19.81 32.62
C LYS A 75 -2.78 20.13 33.55
N LYS A 76 -3.04 20.44 34.82
CA LYS A 76 -1.96 20.68 35.77
C LYS A 76 -1.12 19.43 36.00
N THR A 77 -1.76 18.24 35.97
CA THR A 77 -1.05 17.00 36.23
C THR A 77 -0.90 16.10 35.01
N TRP A 78 -1.49 16.44 33.87
CA TRP A 78 -1.38 15.52 32.74
C TRP A 78 -0.02 15.67 32.06
N LYS A 79 0.25 14.71 31.18
CA LYS A 79 1.34 14.82 30.23
C LYS A 79 0.82 14.42 28.88
N LEU A 80 0.98 15.29 27.90
CA LEU A 80 0.57 15.02 26.54
C LEU A 80 1.81 14.84 25.69
N THR A 81 1.86 13.73 24.95
CA THR A 81 2.89 13.48 23.96
C THR A 81 2.26 13.56 22.59
N CYS A 82 2.78 14.44 21.76
CA CYS A 82 2.34 14.58 20.38
C CYS A 82 3.36 13.85 19.54
N GLY A 83 2.99 12.66 19.06
CA GLY A 83 3.92 11.78 18.35
C GLY A 83 3.61 11.74 16.86
N ASP A 84 4.66 11.68 16.04
CA ASP A 84 4.49 11.48 14.62
C ASP A 84 5.80 10.95 14.08
N LEU A 85 5.72 10.28 12.91
CA LEU A 85 6.93 9.85 12.23
C LEU A 85 7.65 10.99 11.52
N SER A 86 6.93 12.07 11.18
CA SER A 86 7.46 13.10 10.31
C SER A 86 8.05 14.23 11.13
N GLU A 87 9.34 14.50 10.94
CA GLU A 87 9.96 15.63 11.61
C GLU A 87 9.29 16.94 11.17
N GLY A 88 8.92 17.04 9.90
CA GLY A 88 8.27 18.26 9.43
C GLY A 88 6.92 18.48 10.07
N MET A 89 6.11 17.42 10.20
CA MET A 89 4.85 17.53 10.92
C MET A 89 5.06 18.01 12.34
N LEU A 90 6.08 17.48 13.01
CA LEU A 90 6.31 17.85 14.41
C LEU A 90 6.79 19.29 14.54
N GLU A 91 7.60 19.76 13.58
CA GLU A 91 8.01 21.17 13.61
C GLU A 91 6.80 22.09 13.59
N THR A 92 5.82 21.77 12.73
CA THR A 92 4.58 22.54 12.69
C THR A 92 3.79 22.40 13.99
N THR A 93 3.67 21.16 14.50
CA THR A 93 2.97 20.96 15.76
C THR A 93 3.63 21.74 16.89
N LYS A 94 4.96 21.79 16.91
CA LYS A 94 5.67 22.49 17.97
C LYS A 94 5.37 23.98 17.95
N ARG A 95 5.27 24.57 16.75
CA ARG A 95 4.88 25.97 16.68
C ARG A 95 3.45 26.16 17.18
N ARG A 96 2.55 25.22 16.88
CA ARG A 96 1.17 25.32 17.34
C ARG A 96 1.08 25.16 18.85
N LEU A 97 1.87 24.24 19.40
CA LEU A 97 1.96 24.06 20.85
C LEU A 97 2.31 25.38 21.53
N GLN A 98 3.30 26.07 20.98
CA GLN A 98 3.71 27.35 21.56
C GLN A 98 2.64 28.41 21.35
N ASP A 99 2.10 28.52 20.13
CA ASP A 99 1.14 29.58 19.82
C ASP A 99 -0.15 29.45 20.62
N GLU A 100 -0.66 28.23 20.75
CA GLU A 100 -1.90 27.99 21.47
C GLU A 100 -1.69 27.80 22.96
N GLY A 101 -0.44 27.78 23.43
CA GLY A 101 -0.16 27.67 24.84
C GLY A 101 -0.56 26.35 25.47
N TRP A 102 -0.33 25.23 24.78
CA TRP A 102 -0.62 23.94 25.39
C TRP A 102 0.24 23.78 26.64
N VAL A 103 -0.33 23.12 27.64
CA VAL A 103 0.36 22.94 28.92
CA VAL A 103 0.36 22.94 28.92
C VAL A 103 0.79 21.48 29.07
N ASN A 104 2.01 21.30 29.58
CA ASN A 104 2.57 19.97 29.85
C ASN A 104 2.52 19.07 28.62
N ALA A 105 2.90 19.64 27.47
CA ALA A 105 2.90 18.93 26.20
C ALA A 105 4.30 18.92 25.60
N GLU A 106 4.56 17.91 24.78
CA GLU A 106 5.85 17.78 24.12
C GLU A 106 5.60 17.07 22.80
N THR A 107 6.40 17.42 21.80
CA THR A 107 6.45 16.66 20.57
C THR A 107 7.56 15.62 20.65
N LYS A 108 7.36 14.50 19.95
CA LYS A 108 8.29 13.39 19.99
C LYS A 108 8.16 12.60 18.70
N ILE A 109 9.28 12.24 18.08
CA ILE A 109 9.23 11.30 16.96
C ILE A 109 8.82 9.95 17.51
N VAL A 110 7.71 9.43 17.00
CA VAL A 110 7.17 8.15 17.42
C VAL A 110 6.73 7.42 16.18
N ASN A 111 7.37 6.31 15.89
CA ASN A 111 6.96 5.41 14.81
C ASN A 111 5.85 4.53 15.36
N ALA A 112 4.63 4.67 14.81
CA ALA A 112 3.50 3.92 15.34
C ALA A 112 3.74 2.42 15.25
N LEU A 113 4.58 1.97 14.31
CA LEU A 113 4.86 0.55 14.18
C LEU A 113 5.85 0.03 15.20
N ASP A 114 6.56 0.92 15.88
CA ASP A 114 7.57 0.54 16.86
C ASP A 114 7.86 1.77 17.69
N THR A 115 7.06 1.98 18.72
CA THR A 115 7.00 3.31 19.32
C THR A 115 8.20 3.61 20.20
N GLY A 116 8.83 2.58 20.78
CA GLY A 116 9.85 2.79 21.80
C GLY A 116 9.31 3.27 23.13
N LEU A 117 7.99 3.33 23.29
CA LEU A 117 7.38 3.85 24.50
C LEU A 117 7.13 2.73 25.51
N PRO A 118 6.96 3.06 26.79
CA PRO A 118 6.91 2.00 27.82
C PRO A 118 5.61 1.20 27.81
N ASP A 119 5.71 -0.06 28.20
CA ASP A 119 4.53 -0.87 28.47
C ASP A 119 3.65 -0.16 29.48
N GLY A 120 2.35 -0.17 29.22
CA GLY A 120 1.38 0.22 30.23
C GLY A 120 1.55 1.64 30.73
N HIS A 121 1.90 2.57 29.85
CA HIS A 121 2.23 3.92 30.25
C HIS A 121 1.06 4.90 30.14
N TYR A 122 0.22 4.75 29.11
CA TYR A 122 -0.72 5.79 28.74
C TYR A 122 -2.12 5.46 29.25
N THR A 123 -2.83 6.50 29.70
CA THR A 123 -4.26 6.34 29.97
C THR A 123 -5.10 6.44 28.71
N HIS A 124 -4.61 7.17 27.69
CA HIS A 124 -5.35 7.37 26.45
C HIS A 124 -4.36 7.41 25.30
N VAL A 125 -4.71 6.70 24.22
CA VAL A 125 -3.99 6.80 22.96
C VAL A 125 -5.02 7.17 21.90
N PHE A 126 -4.76 8.27 21.20
CA PHE A 126 -5.57 8.73 20.09
C PHE A 126 -4.84 8.44 18.79
N VAL A 127 -5.56 7.88 17.81
CA VAL A 127 -5.04 7.67 16.47
C VAL A 127 -6.07 8.25 15.51
N ALA A 128 -5.93 9.53 15.19
CA ALA A 128 -6.85 10.23 14.30
C ALA A 128 -6.36 10.09 12.87
N PHE A 129 -7.06 9.25 12.09
CA PHE A 129 -6.76 9.04 10.68
C PHE A 129 -5.31 8.60 10.46
N GLY A 130 -4.83 7.68 11.31
CA GLY A 130 -3.53 7.08 11.14
C GLY A 130 -3.58 5.68 10.56
N PHE A 131 -4.56 4.87 10.93
CA PHE A 131 -4.49 3.45 10.57
C PHE A 131 -4.53 3.22 9.06
N GLN A 132 -5.19 4.07 8.28
CA GLN A 132 -5.20 3.90 6.83
C GLN A 132 -3.99 4.53 6.16
N SER A 133 -3.11 5.18 6.92
CA SER A 133 -1.88 5.75 6.42
C SER A 133 -0.64 4.92 6.80
N PHE A 134 -0.68 4.13 7.87
CA PHE A 134 0.47 3.34 8.27
C PHE A 134 0.74 2.22 7.26
N PRO A 135 1.99 1.79 7.11
CA PRO A 135 2.24 0.63 6.24
C PRO A 135 1.52 -0.62 6.69
N ASP A 136 1.41 -0.86 8.00
CA ASP A 136 0.75 -2.04 8.54
C ASP A 136 -0.01 -1.63 9.80
N ALA A 137 -1.32 -1.56 9.67
CA ALA A 137 -2.14 -1.08 10.77
C ALA A 137 -2.12 -2.06 11.94
N ASN A 138 -2.06 -3.36 11.67
CA ASN A 138 -2.08 -4.33 12.76
C ASN A 138 -0.89 -4.15 13.69
N ALA A 139 0.30 -3.92 13.13
CA ALA A 139 1.47 -3.70 13.98
C ALA A 139 1.27 -2.45 14.83
N ALA A 140 0.71 -1.40 14.25
CA ALA A 140 0.48 -0.18 15.02
C ALA A 140 -0.55 -0.42 16.12
N LEU A 141 -1.59 -1.20 15.82
CA LEU A 141 -2.63 -1.48 16.80
C LEU A 141 -2.08 -2.28 17.98
N LYS A 142 -1.20 -3.25 17.68
CA LYS A 142 -0.57 -4.03 18.74
C LYS A 142 0.28 -3.14 19.64
N GLU A 143 0.99 -2.16 19.06
CA GLU A 143 1.72 -1.20 19.86
C GLU A 143 0.79 -0.38 20.75
N CYS A 144 -0.33 0.08 20.22
CA CYS A 144 -1.29 0.83 21.03
CA CYS A 144 -1.27 0.83 21.05
C CYS A 144 -1.69 0.00 22.25
N PHE A 145 -2.01 -1.27 22.03
CA PHE A 145 -2.41 -2.12 23.14
C PHE A 145 -1.28 -2.23 24.16
N ARG A 146 -0.05 -2.42 23.68
CA ARG A 146 1.08 -2.62 24.58
C ARG A 146 1.30 -1.41 25.49
N ILE A 147 1.18 -0.20 24.93
CA ILE A 147 1.57 1.01 25.64
C ILE A 147 0.47 1.59 26.51
N LEU A 148 -0.74 1.04 26.43
CA LEU A 148 -1.83 1.49 27.27
C LEU A 148 -1.75 0.83 28.63
N ALA A 149 -1.99 1.62 29.67
CA ALA A 149 -2.13 1.12 31.02
C ALA A 149 -3.41 0.29 31.13
N SER A 150 -3.46 -0.58 32.13
CA SER A 150 -4.74 -1.20 32.45
C SER A 150 -5.77 -0.11 32.67
N GLY A 151 -6.96 -0.29 32.08
CA GLY A 151 -7.97 0.75 32.10
C GLY A 151 -7.81 1.80 31.02
N GLY A 152 -6.73 1.76 30.25
CA GLY A 152 -6.52 2.76 29.22
C GLY A 152 -7.45 2.60 28.04
N ILE A 153 -7.63 3.70 27.33
CA ILE A 153 -8.57 3.80 26.22
C ILE A 153 -7.81 4.08 24.93
N LEU A 154 -8.06 3.28 23.90
CA LEU A 154 -7.69 3.61 22.54
C LEU A 154 -8.90 4.26 21.87
N ALA A 155 -8.67 5.39 21.22
CA ALA A 155 -9.69 6.07 20.43
C ALA A 155 -9.12 6.34 19.06
N SER A 156 -9.79 5.85 18.01
CA SER A 156 -9.33 6.07 16.65
C SER A 156 -10.45 6.55 15.74
N SER A 157 -10.05 7.28 14.70
CA SER A 157 -10.93 7.64 13.62
C SER A 157 -10.34 7.12 12.31
N THR A 158 -11.20 6.53 11.50
CA THR A 158 -10.83 6.06 10.16
C THR A 158 -11.96 6.41 9.21
N TRP A 159 -11.63 6.48 7.93
CA TRP A 159 -12.60 6.87 6.91
C TRP A 159 -13.44 5.69 6.47
N GLN A 160 -14.75 5.93 6.33
CA GLN A 160 -15.64 5.01 5.65
C GLN A 160 -16.04 5.49 4.28
N ASN A 161 -16.46 6.75 4.14
CA ASN A 161 -16.84 7.31 2.85
C ASN A 161 -16.52 8.79 2.87
N PHE A 162 -16.29 9.35 1.69
CA PHE A 162 -16.12 10.78 1.55
C PHE A 162 -16.25 11.17 0.10
N ASN A 163 -16.64 12.42 -0.13
CA ASN A 163 -16.92 12.84 -1.49
C ASN A 163 -15.76 13.52 -2.18
N TRP A 164 -14.65 13.77 -1.50
CA TRP A 164 -13.61 14.57 -2.14
C TRP A 164 -12.84 13.80 -3.21
N ILE A 165 -12.60 12.50 -3.01
CA ILE A 165 -11.99 11.71 -4.08
C ILE A 165 -12.90 11.66 -5.28
N PRO A 166 -14.21 11.41 -5.14
CA PRO A 166 -15.09 11.48 -6.31
C PRO A 166 -15.11 12.83 -7.01
N ILE A 167 -14.97 13.93 -6.27
CA ILE A 167 -14.89 15.25 -6.91
C ILE A 167 -13.61 15.34 -7.75
N MET A 168 -12.49 14.90 -7.20
CA MET A 168 -11.24 14.91 -7.96
C MET A 168 -11.36 14.01 -9.19
N LYS A 169 -12.01 12.86 -9.04
CA LYS A 169 -12.18 11.99 -10.20
C LYS A 169 -12.99 12.68 -11.28
N ALA A 170 -14.04 13.40 -10.90
CA ALA A 170 -14.83 14.11 -11.91
C ALA A 170 -14.00 15.16 -12.63
N ALA A 171 -13.12 15.86 -11.91
CA ALA A 171 -12.22 16.80 -12.56
C ALA A 171 -11.29 16.09 -13.53
N ILE A 172 -10.69 14.99 -13.09
CA ILE A 172 -9.77 14.23 -13.95
C ILE A 172 -10.48 13.74 -15.21
N GLU A 173 -11.76 13.41 -15.11
CA GLU A 173 -12.52 12.96 -16.26
C GLU A 173 -12.74 14.04 -17.30
N THR A 174 -12.41 15.30 -17.00
CA THR A 174 -12.51 16.35 -18.01
C THR A 174 -11.22 16.51 -18.80
N ILE A 175 -10.22 15.69 -18.54
CA ILE A 175 -8.98 15.64 -19.32
C ILE A 175 -9.15 14.65 -20.46
N PRO A 176 -8.71 14.95 -21.67
CA PRO A 176 -8.64 13.91 -22.70
C PRO A 176 -7.77 12.75 -22.23
N GLY A 177 -8.13 11.56 -22.66
CA GLY A 177 -7.29 10.39 -22.43
C GLY A 177 -7.91 9.32 -21.58
N ASN A 178 -9.12 9.51 -21.07
CA ASN A 178 -9.80 8.51 -20.27
C ASN A 178 -8.91 8.06 -19.11
N LEU A 179 -8.43 9.01 -18.35
CA LEU A 179 -7.36 8.74 -17.41
C LEU A 179 -7.89 8.08 -16.13
N PRO A 180 -7.21 7.06 -15.63
CA PRO A 180 -7.69 6.38 -14.42
C PRO A 180 -7.56 7.24 -13.16
N PHE A 181 -8.37 6.87 -12.17
CA PHE A 181 -8.34 7.54 -10.88
C PHE A 181 -9.01 6.62 -9.87
N PRO A 182 -8.54 6.56 -8.62
CA PRO A 182 -9.16 5.64 -7.65
C PRO A 182 -10.59 6.01 -7.29
N THR A 183 -11.38 4.99 -7.00
CA THR A 183 -12.63 5.18 -6.27
C THR A 183 -12.33 5.50 -4.81
N GLN A 184 -13.32 5.96 -4.06
CA GLN A 184 -13.09 6.18 -2.65
CA GLN A 184 -13.13 6.16 -2.63
C GLN A 184 -12.64 4.90 -1.95
N LYS A 185 -13.25 3.77 -2.26
CA LYS A 185 -12.92 2.53 -1.57
C LYS A 185 -11.50 2.09 -1.91
N GLU A 186 -11.09 2.27 -3.17
CA GLU A 186 -9.71 1.95 -3.51
C GLU A 186 -8.75 2.86 -2.76
N PHE A 187 -9.07 4.15 -2.71
CA PHE A 187 -8.16 5.10 -2.09
C PHE A 187 -7.96 4.79 -0.62
N ILE A 188 -9.04 4.57 0.12
CA ILE A 188 -8.92 4.38 1.55
C ILE A 188 -8.25 3.07 1.90
N ALA A 189 -8.16 2.12 0.97
CA ALA A 189 -7.55 0.81 1.23
C ALA A 189 -6.15 0.67 0.63
N LEU A 190 -5.52 1.75 0.17
CA LEU A 190 -4.21 1.64 -0.46
C LEU A 190 -3.17 1.02 0.47
N HIS A 191 -3.29 1.25 1.78
CA HIS A 191 -2.37 0.64 2.74
C HIS A 191 -3.00 -0.47 3.55
N ASN A 192 -4.17 -0.23 4.13
CA ASN A 192 -4.82 -1.20 5.00
C ASN A 192 -6.30 -1.20 4.71
N ALA A 193 -6.80 -2.32 4.25
CA ALA A 193 -8.22 -2.48 4.03
C ALA A 193 -8.92 -2.87 5.33
N GLY A 194 -10.21 -2.65 5.38
CA GLY A 194 -11.03 -3.06 6.49
C GLY A 194 -11.40 -1.96 7.46
N TRP A 195 -10.66 -0.85 7.48
CA TRP A 195 -10.92 0.18 8.47
C TRP A 195 -12.09 1.08 8.10
N ASP A 196 -12.80 0.73 7.03
CA ASP A 196 -14.11 1.27 6.72
C ASP A 196 -15.24 0.34 7.17
N SER A 197 -14.93 -0.74 7.89
CA SER A 197 -15.92 -1.74 8.28
C SER A 197 -16.00 -1.83 9.79
N GLU A 198 -17.21 -1.62 10.33
CA GLU A 198 -17.40 -1.74 11.77
C GLU A 198 -17.02 -3.13 12.26
N SER A 199 -17.43 -4.16 11.53
CA SER A 199 -17.22 -5.51 12.01
C SER A 199 -15.75 -5.90 11.94
N TYR A 200 -15.04 -5.44 10.91
CA TYR A 200 -13.61 -5.69 10.85
C TYR A 200 -12.90 -5.05 12.03
N ILE A 201 -13.19 -3.77 12.28
CA ILE A 201 -12.50 -3.07 13.35
C ILE A 201 -12.76 -3.75 14.69
N GLN A 202 -14.03 -4.07 14.97
CA GLN A 202 -14.34 -4.68 16.25
C GLN A 202 -13.59 -5.99 16.42
N SER A 203 -13.58 -6.82 15.38
CA SER A 203 -12.88 -8.09 15.45
C SER A 203 -11.37 -7.88 15.68
N GLU A 204 -10.77 -6.92 14.99
CA GLU A 204 -9.33 -6.71 15.11
CA GLU A 204 -9.33 -6.71 15.11
C GLU A 204 -8.95 -6.24 16.51
N LEU A 205 -9.70 -5.29 17.07
CA LEU A 205 -9.40 -4.85 18.42
C LEU A 205 -9.61 -5.97 19.42
N GLU A 206 -10.70 -6.71 19.28
CA GLU A 206 -10.99 -7.77 20.24
C GLU A 206 -9.94 -8.88 20.19
N LYS A 207 -9.41 -9.18 19.00
CA LYS A 207 -8.43 -10.25 18.90
C LYS A 207 -7.16 -9.90 19.69
N LEU A 208 -6.88 -8.62 19.85
CA LEU A 208 -5.71 -8.19 20.59
C LEU A 208 -5.95 -8.11 22.08
N GLY A 209 -7.19 -8.20 22.52
CA GLY A 209 -7.50 -8.15 23.94
C GLY A 209 -8.19 -6.89 24.38
N PHE A 210 -8.48 -5.95 23.48
CA PHE A 210 -9.32 -4.83 23.83
C PHE A 210 -10.72 -5.31 24.17
N ARG A 211 -11.36 -4.62 25.11
CA ARG A 211 -12.71 -4.93 25.55
C ARG A 211 -13.57 -3.69 25.42
N ASP A 212 -14.88 -3.89 25.60
CA ASP A 212 -15.85 -2.80 25.52
C ASP A 212 -15.68 -2.00 24.22
N VAL A 213 -15.44 -2.71 23.14
CA VAL A 213 -15.14 -2.05 21.86
C VAL A 213 -16.43 -1.49 21.27
N LYS A 214 -16.36 -0.23 20.85
CA LYS A 214 -17.47 0.46 20.23
C LYS A 214 -16.99 1.13 18.95
N VAL A 215 -17.74 0.95 17.86
CA VAL A 215 -17.41 1.53 16.57
C VAL A 215 -18.64 2.24 16.05
N ILE A 216 -18.57 3.56 15.90
CA ILE A 216 -19.73 4.39 15.60
C ILE A 216 -19.47 5.16 14.32
N PRO A 217 -20.29 4.98 13.27
CA PRO A 217 -20.17 5.84 12.08
C PRO A 217 -20.74 7.22 12.34
N VAL A 218 -19.98 8.23 11.97
CA VAL A 218 -20.39 9.61 12.24
C VAL A 218 -20.38 10.38 10.92
N PRO A 219 -21.54 10.81 10.43
CA PRO A 219 -21.58 11.62 9.21
C PRO A 219 -21.33 13.07 9.52
N LYS A 220 -20.63 13.75 8.61
CA LYS A 220 -20.38 15.17 8.73
C LYS A 220 -20.56 15.80 7.35
N GLU A 221 -21.04 17.04 7.35
CA GLU A 221 -21.17 17.81 6.13
C GLU A 221 -20.74 19.22 6.43
N THR A 222 -19.85 19.77 5.62
CA THR A 222 -19.56 21.18 5.71
C THR A 222 -19.18 21.66 4.32
N SER A 223 -18.54 22.82 4.23
CA SER A 223 -18.05 23.26 2.94
C SER A 223 -16.75 24.01 3.13
N ILE A 224 -15.99 24.09 2.04
CA ILE A 224 -14.67 24.70 2.04
C ILE A 224 -14.57 25.56 0.79
N PRO A 225 -13.96 26.75 0.83
CA PRO A 225 -13.82 27.54 -0.41
C PRO A 225 -13.04 26.77 -1.46
N ILE A 226 -13.35 27.06 -2.73
CA ILE A 226 -12.72 26.31 -3.83
C ILE A 226 -11.20 26.42 -3.77
N ASP A 227 -10.66 27.57 -3.36
CA ASP A 227 -9.21 27.72 -3.36
C ASP A 227 -8.54 26.85 -2.31
N GLU A 228 -9.21 26.63 -1.18
CA GLU A 228 -8.66 25.73 -0.16
C GLU A 228 -8.81 24.28 -0.61
N PHE A 229 -9.92 23.95 -1.25
CA PHE A 229 -10.10 22.61 -1.75
C PHE A 229 -9.06 22.28 -2.82
N PHE A 230 -8.74 23.25 -3.67
CA PHE A 230 -7.69 23.05 -4.66
C PHE A 230 -6.40 22.60 -4.01
N GLU A 231 -6.02 23.19 -2.87
CA GLU A 231 -4.78 22.81 -2.22
C GLU A 231 -4.84 21.37 -1.70
N VAL A 232 -5.98 20.94 -1.19
CA VAL A 232 -6.12 19.56 -0.76
C VAL A 232 -5.88 18.62 -1.94
N CYS A 233 -6.51 18.92 -3.08
CA CYS A 233 -6.33 18.10 -4.27
C CYS A 233 -4.87 18.05 -4.69
N MET A 234 -4.19 19.20 -4.68
CA MET A 234 -2.79 19.28 -5.07
C MET A 234 -1.87 18.54 -4.13
N MET A 235 -2.30 18.35 -2.88
CA MET A 235 -1.47 17.62 -1.94
C MET A 235 -1.48 16.13 -2.25
N ILE A 236 -2.62 15.62 -2.72
CA ILE A 236 -2.83 14.18 -2.82
CA ILE A 236 -2.86 14.19 -2.83
C ILE A 236 -2.62 13.67 -4.24
N ILE A 237 -3.07 14.41 -5.25
CA ILE A 237 -3.01 13.89 -6.62
C ILE A 237 -1.60 13.50 -7.04
N PRO A 238 -0.55 14.26 -6.71
CA PRO A 238 0.80 13.87 -7.17
C PRO A 238 1.24 12.50 -6.68
N TYR A 239 0.76 12.04 -5.52
CA TYR A 239 1.16 10.73 -5.03
C TYR A 239 0.33 9.60 -5.64
N LEU A 240 -0.81 9.93 -6.23
CA LEU A 240 -1.64 8.94 -6.90
CA LEU A 240 -1.64 8.94 -6.92
C LEU A 240 -1.23 8.72 -8.36
N LEU A 241 -0.76 9.77 -9.04
CA LEU A 241 -0.44 9.63 -10.46
C LEU A 241 0.59 8.55 -10.78
N PRO A 242 1.67 8.39 -10.02
CA PRO A 242 2.64 7.32 -10.38
C PRO A 242 2.05 5.94 -10.25
N LYS A 243 0.98 5.80 -9.47
CA LYS A 243 0.34 4.51 -9.24
C LYS A 243 -0.78 4.24 -10.25
N PHE A 244 -1.48 5.27 -10.69
CA PHE A 244 -2.68 5.09 -11.49
C PHE A 244 -2.53 5.43 -12.96
N TRP A 245 -1.51 6.20 -13.35
CA TRP A 245 -1.28 6.59 -14.74
C TRP A 245 0.01 5.96 -15.26
N THR A 246 0.06 5.78 -16.57
CA THR A 246 1.31 5.39 -17.20
C THR A 246 2.27 6.57 -17.27
N GLU A 247 3.53 6.27 -17.55
CA GLU A 247 4.52 7.32 -17.74
C GLU A 247 4.12 8.26 -18.88
N GLU A 248 3.61 7.71 -19.99
CA GLU A 248 3.22 8.54 -21.11
C GLU A 248 2.03 9.44 -20.74
N GLN A 249 1.06 8.90 -20.01
CA GLN A 249 -0.06 9.72 -19.55
C GLN A 249 0.40 10.88 -18.67
N ARG A 250 1.36 10.61 -17.78
CA ARG A 250 1.90 11.67 -16.94
C ARG A 250 2.64 12.70 -17.78
N GLU A 251 3.44 12.26 -18.74
CA GLU A 251 4.15 13.19 -19.59
C GLU A 251 3.17 14.07 -20.36
N SER A 252 2.04 13.50 -20.77
CA SER A 252 1.08 14.24 -21.58
C SER A 252 0.22 15.17 -20.74
N HIS A 253 -0.13 14.77 -19.52
CA HIS A 253 -1.23 15.43 -18.82
C HIS A 253 -0.93 15.89 -17.40
N GLU A 254 0.11 15.41 -16.74
CA GLU A 254 0.29 15.78 -15.33
C GLU A 254 0.39 17.30 -15.18
N LYS A 255 1.10 17.96 -16.08
CA LYS A 255 1.28 19.42 -16.02
C LYS A 255 -0.04 20.16 -16.15
N ASP A 256 -1.09 19.51 -16.68
CA ASP A 256 -2.38 20.16 -16.89
C ASP A 256 -3.34 19.97 -15.71
N VAL A 257 -3.00 19.10 -14.77
CA VAL A 257 -3.91 18.83 -13.65
C VAL A 257 -4.28 20.09 -12.88
N PRO A 258 -3.37 20.98 -12.51
CA PRO A 258 -3.79 22.19 -11.79
C PRO A 258 -4.84 23.00 -12.53
N MET A 259 -4.65 23.22 -13.83
CA MET A 259 -5.63 24.01 -14.58
C MET A 259 -6.97 23.28 -14.64
N VAL A 260 -6.94 21.98 -14.87
CA VAL A 260 -8.17 21.20 -14.96
C VAL A 260 -8.95 21.27 -13.64
N LEU A 261 -8.24 21.17 -12.51
CA LEU A 261 -8.88 21.28 -11.20
C LEU A 261 -9.48 22.65 -10.99
N ARG A 262 -8.71 23.71 -11.27
CA ARG A 262 -9.25 25.06 -11.15
C ARG A 262 -10.55 25.19 -11.94
N GLN A 263 -10.51 24.77 -13.21
CA GLN A 263 -11.65 24.96 -14.08
C GLN A 263 -12.83 24.14 -13.63
N TYR A 264 -12.60 22.88 -13.23
CA TYR A 264 -13.71 22.06 -12.76
C TYR A 264 -14.36 22.68 -11.53
N LEU A 265 -13.57 23.14 -10.58
CA LEU A 265 -14.13 23.67 -9.33
C LEU A 265 -14.91 24.95 -9.57
N GLN A 266 -14.36 25.85 -10.39
CA GLN A 266 -15.07 27.08 -10.71
C GLN A 266 -16.36 26.82 -11.48
N ASP A 267 -16.27 25.94 -12.48
CA ASP A 267 -17.42 25.63 -13.32
C ASP A 267 -18.53 24.96 -12.52
N THR A 268 -18.16 24.14 -11.54
CA THR A 268 -19.14 23.35 -10.81
C THR A 268 -19.73 24.10 -9.62
N TYR A 269 -18.88 24.80 -8.86
CA TYR A 269 -19.28 25.40 -7.61
C TYR A 269 -19.34 26.92 -7.66
N GLY A 270 -18.91 27.53 -8.75
CA GLY A 270 -18.88 28.97 -8.87
C GLY A 270 -17.49 29.53 -8.64
N ALA A 271 -17.22 30.68 -9.26
CA ALA A 271 -15.91 31.30 -9.14
C ALA A 271 -15.60 31.75 -7.73
N ASN A 272 -16.62 32.01 -6.91
CA ASN A 272 -16.40 32.32 -5.51
C ASN A 272 -17.13 31.30 -4.64
N GLY A 273 -17.17 30.07 -5.13
CA GLY A 273 -17.99 29.05 -4.52
C GLY A 273 -17.34 28.27 -3.41
N GLN A 274 -18.16 27.39 -2.84
CA GLN A 274 -17.81 26.52 -1.74
C GLN A 274 -18.03 25.09 -2.20
N VAL A 275 -17.09 24.24 -1.86
CA VAL A 275 -17.19 22.82 -2.18
C VAL A 275 -17.85 22.12 -1.00
N PRO A 276 -18.94 21.39 -1.20
CA PRO A 276 -19.51 20.62 -0.10
C PRO A 276 -18.55 19.48 0.24
N LEU A 277 -18.30 19.32 1.52
CA LEU A 277 -17.57 18.18 2.02
C LEU A 277 -18.59 17.30 2.72
N GLU A 278 -18.60 16.01 2.36
CA GLU A 278 -19.50 15.07 2.98
C GLU A 278 -18.70 13.81 3.29
N ALA A 279 -18.78 13.35 4.53
CA ALA A 279 -17.98 12.20 4.91
C ALA A 279 -18.67 11.39 5.97
N VAL A 280 -18.21 10.15 6.11
CA VAL A 280 -18.50 9.31 7.26
C VAL A 280 -17.18 8.75 7.75
N ALA A 281 -16.90 8.94 9.04
CA ALA A 281 -15.75 8.34 9.68
C ALA A 281 -16.26 7.38 10.75
N LEU A 282 -15.48 6.32 10.96
CA LEU A 282 -15.73 5.38 12.04
C LEU A 282 -14.94 5.82 13.24
N ILE A 283 -15.65 6.03 14.34
CA ILE A 283 -15.06 6.47 15.60
C ILE A 283 -15.07 5.24 16.52
N THR A 284 -13.88 4.75 16.80
CA THR A 284 -13.67 3.50 17.53
C THR A 284 -13.07 3.79 18.89
N THR A 285 -13.63 3.14 19.92
CA THR A 285 -13.01 3.14 21.23
C THR A 285 -12.90 1.72 21.76
N GLY A 286 -11.84 1.48 22.52
CA GLY A 286 -11.64 0.18 23.15
C GLY A 286 -10.87 0.36 24.44
N LEU A 287 -11.10 -0.58 25.35
CA LEU A 287 -10.54 -0.53 26.69
C LEU A 287 -9.50 -1.62 26.83
N LYS A 288 -8.33 -1.27 27.36
CA LYS A 288 -7.36 -2.30 27.72
C LYS A 288 -7.62 -2.77 29.15
N PRO A 289 -7.89 -4.07 29.36
CA PRO A 289 -8.03 -4.56 30.73
C PRO A 289 -6.70 -4.58 31.46
N ILE B 9 6.74 12.48 -8.57
CA ILE B 9 6.91 11.28 -7.74
C ILE B 9 7.15 10.07 -8.64
N GLN B 10 8.07 9.20 -8.25
CA GLN B 10 8.44 8.07 -9.09
C GLN B 10 7.75 6.78 -8.63
N ASN B 11 7.54 5.89 -9.60
CA ASN B 11 7.10 4.54 -9.32
C ASN B 11 8.34 3.64 -9.32
N MET B 12 8.51 2.89 -8.24
CA MET B 12 9.69 2.04 -8.07
C MET B 12 9.98 1.18 -9.30
N PHE B 13 8.95 0.59 -9.90
CA PHE B 13 9.12 -0.34 -11.01
C PHE B 13 9.62 0.31 -12.28
N GLN B 14 9.60 1.64 -12.34
CA GLN B 14 10.02 2.36 -13.52
C GLN B 14 11.45 2.86 -13.43
N THR B 15 12.09 2.71 -12.27
CA THR B 15 13.44 3.23 -12.08
C THR B 15 14.47 2.29 -12.69
N LYS B 16 15.51 2.89 -13.28
CA LYS B 16 16.57 2.11 -13.90
C LYS B 16 17.23 1.16 -12.89
N SER B 17 17.45 1.64 -11.66
CA SER B 17 18.14 0.81 -10.67
C SER B 17 17.31 -0.42 -10.32
N PHE B 18 15.98 -0.29 -10.28
CA PHE B 18 15.14 -1.44 -10.01
C PHE B 18 15.15 -2.40 -11.18
N VAL B 19 14.91 -1.88 -12.38
CA VAL B 19 14.78 -2.75 -13.55
C VAL B 19 16.10 -3.47 -13.81
N ASP B 20 17.22 -2.78 -13.62
CA ASP B 20 18.52 -3.39 -13.89
C ASP B 20 18.84 -4.52 -12.93
N ARG B 21 18.29 -4.51 -11.72
CA ARG B 21 18.52 -5.59 -10.78
C ARG B 21 17.46 -6.68 -10.86
N TYR B 22 16.38 -6.46 -11.61
CA TYR B 22 15.25 -7.39 -11.57
C TYR B 22 15.64 -8.77 -12.07
N LYS B 23 16.65 -8.88 -12.94
CA LYS B 23 17.02 -10.21 -13.41
C LYS B 23 17.43 -11.13 -12.26
N TYR B 24 17.93 -10.58 -11.15
CA TYR B 24 18.25 -11.44 -10.01
C TYR B 24 16.99 -11.85 -9.26
N THR B 25 16.02 -10.94 -9.13
CA THR B 25 14.75 -11.30 -8.51
C THR B 25 13.97 -12.28 -9.37
N GLU B 26 14.17 -12.25 -10.68
CA GLU B 26 13.50 -13.20 -11.55
C GLU B 26 13.98 -14.62 -11.30
N LYS B 27 15.15 -14.81 -10.67
CA LYS B 27 15.54 -16.14 -10.24
C LYS B 27 14.59 -16.69 -9.20
N LEU B 28 13.83 -15.81 -8.55
CA LEU B 28 12.83 -16.22 -7.57
C LEU B 28 11.43 -16.33 -8.16
N THR B 29 10.96 -15.28 -8.85
CA THR B 29 9.66 -15.41 -9.51
C THR B 29 9.69 -16.50 -10.56
N GLY B 30 10.83 -16.68 -11.22
CA GLY B 30 10.93 -17.65 -12.29
C GLY B 30 10.77 -19.08 -11.82
N LEU B 31 10.92 -19.33 -10.51
CA LEU B 31 10.68 -20.65 -9.98
C LEU B 31 9.29 -21.16 -10.28
N TYR B 32 8.35 -20.25 -10.55
CA TYR B 32 6.95 -20.60 -10.72
C TYR B 32 6.42 -20.33 -12.12
N ALA B 33 7.26 -19.90 -13.06
CA ALA B 33 6.75 -19.56 -14.38
C ALA B 33 6.25 -20.81 -15.10
N GLN B 34 7.06 -21.88 -15.08
CA GLN B 34 6.62 -23.13 -15.70
C GLN B 34 5.40 -23.70 -14.99
N THR B 35 5.40 -23.67 -13.66
CA THR B 35 4.24 -24.17 -12.91
C THR B 35 2.98 -23.46 -13.36
N LEU B 36 3.04 -22.13 -13.47
CA LEU B 36 1.85 -21.36 -13.81
C LEU B 36 1.35 -21.71 -15.21
N VAL B 37 2.27 -21.80 -16.16
CA VAL B 37 1.89 -22.20 -17.51
C VAL B 37 1.29 -23.60 -17.52
N ASP B 38 1.90 -24.53 -16.80
CA ASP B 38 1.38 -25.89 -16.75
C ASP B 38 -0.03 -25.93 -16.17
N TYR B 39 -0.23 -25.29 -15.02
CA TYR B 39 -1.52 -25.37 -14.35
C TYR B 39 -2.61 -24.66 -15.15
N SER B 40 -2.26 -23.68 -15.98
CA SER B 40 -3.24 -23.01 -16.80
C SER B 40 -3.86 -23.92 -17.86
N GLY B 41 -3.19 -25.00 -18.24
CA GLY B 41 -3.69 -25.85 -19.30
C GLY B 41 -3.45 -25.34 -20.71
N VAL B 42 -2.75 -24.23 -20.88
CA VAL B 42 -2.66 -23.60 -22.20
C VAL B 42 -2.02 -24.52 -23.23
N ALA B 43 -1.12 -25.41 -22.81
CA ALA B 43 -0.45 -26.29 -23.75
C ALA B 43 -1.36 -27.36 -24.31
N ASN B 44 -2.52 -27.60 -23.68
CA ASN B 44 -3.40 -28.69 -24.06
C ASN B 44 -4.82 -28.23 -24.31
N THR B 45 -5.06 -26.93 -24.43
CA THR B 45 -6.40 -26.43 -24.58
C THR B 45 -6.90 -26.66 -26.01
N SER B 46 -8.22 -26.69 -26.14
CA SER B 46 -8.88 -26.71 -27.45
CA SER B 46 -8.86 -26.71 -27.45
C SER B 46 -9.21 -25.32 -27.96
N GLN B 47 -8.97 -24.28 -27.17
CA GLN B 47 -9.15 -22.93 -27.65
C GLN B 47 -8.17 -22.68 -28.79
N LYS B 48 -8.67 -22.09 -29.87
CA LYS B 48 -7.86 -21.79 -31.03
C LYS B 48 -8.54 -20.64 -31.78
N PRO B 49 -7.77 -19.63 -32.18
CA PRO B 49 -6.35 -19.43 -31.87
C PRO B 49 -6.15 -19.00 -30.43
N LEU B 50 -4.95 -19.20 -29.90
CA LEU B 50 -4.63 -18.69 -28.58
C LEU B 50 -4.39 -17.19 -28.65
N ILE B 51 -4.98 -16.45 -27.73
CA ILE B 51 -4.79 -15.01 -27.63
CA ILE B 51 -4.81 -15.01 -27.63
C ILE B 51 -4.45 -14.76 -26.17
N VAL B 52 -3.18 -14.46 -25.92
CA VAL B 52 -2.64 -14.55 -24.57
C VAL B 52 -2.08 -13.21 -24.12
N LEU B 53 -2.40 -12.83 -22.89
CA LEU B 53 -1.80 -11.67 -22.23
C LEU B 53 -0.93 -12.16 -21.07
N ASP B 54 0.33 -11.75 -21.07
CA ASP B 54 1.23 -11.87 -19.92
C ASP B 54 1.15 -10.49 -19.26
N ASN B 55 0.31 -10.39 -18.23
CA ASN B 55 -0.06 -9.13 -17.60
C ASN B 55 0.90 -8.88 -16.44
N ALA B 56 1.50 -7.70 -16.40
CA ALA B 56 2.57 -7.39 -15.45
C ALA B 56 3.75 -8.34 -15.68
N CYS B 57 4.19 -8.39 -16.94
CA CYS B 57 5.10 -9.41 -17.43
C CYS B 57 6.53 -9.26 -16.93
N GLY B 58 6.90 -8.11 -16.37
CA GLY B 58 8.24 -7.94 -15.85
C GLY B 58 9.25 -7.92 -16.97
N ILE B 59 10.25 -8.77 -16.86
CA ILE B 59 11.21 -8.94 -17.94
C ILE B 59 10.91 -10.19 -18.77
N GLY B 60 9.70 -10.73 -18.64
CA GLY B 60 9.18 -11.73 -19.55
C GLY B 60 9.21 -13.17 -19.09
N ALA B 61 9.18 -13.43 -17.77
CA ALA B 61 9.33 -14.80 -17.28
C ALA B 61 8.28 -15.74 -17.89
N VAL B 62 7.01 -15.36 -17.83
CA VAL B 62 5.96 -16.25 -18.33
C VAL B 62 6.01 -16.34 -19.85
N SER B 63 6.15 -15.19 -20.52
CA SER B 63 6.23 -15.18 -21.98
C SER B 63 7.34 -16.09 -22.47
N SER B 64 8.49 -16.07 -21.78
CA SER B 64 9.61 -16.92 -22.19
C SER B 64 9.24 -18.39 -22.08
N VAL B 65 8.62 -18.77 -20.97
CA VAL B 65 8.17 -20.15 -20.80
C VAL B 65 7.12 -20.51 -21.85
N LEU B 66 6.17 -19.61 -22.12
CA LEU B 66 5.15 -19.93 -23.12
C LEU B 66 5.78 -20.20 -24.47
N ASN B 67 6.77 -19.40 -24.85
CA ASN B 67 7.37 -19.60 -26.16
C ASN B 67 8.18 -20.89 -26.22
N HIS B 68 8.74 -21.33 -25.11
CA HIS B 68 9.49 -22.57 -25.10
CA HIS B 68 9.49 -22.58 -25.09
C HIS B 68 8.58 -23.78 -24.99
N THR B 69 7.45 -23.65 -24.30
CA THR B 69 6.55 -24.77 -24.02
C THR B 69 5.61 -25.06 -25.17
N LEU B 70 5.00 -24.04 -25.77
CA LEU B 70 3.99 -24.25 -26.79
C LEU B 70 4.62 -24.81 -28.05
N GLN B 71 3.88 -25.69 -28.72
CA GLN B 71 4.34 -26.28 -29.97
C GLN B 71 4.37 -25.24 -31.09
N ASP B 72 5.22 -25.50 -32.10
CA ASP B 72 5.26 -24.64 -33.28
C ASP B 72 3.87 -24.46 -33.88
N GLU B 73 3.08 -25.54 -33.94
CA GLU B 73 1.77 -25.47 -34.56
C GLU B 73 0.88 -24.45 -33.86
N ALA B 74 0.84 -24.47 -32.53
CA ALA B 74 0.02 -23.51 -31.80
C ALA B 74 0.51 -22.08 -32.05
N LYS B 75 1.82 -21.90 -32.14
CA LYS B 75 2.37 -20.56 -32.26
C LYS B 75 2.19 -19.97 -33.66
N LYS B 76 1.87 -20.80 -34.66
CA LYS B 76 1.59 -20.28 -35.98
C LYS B 76 0.45 -19.27 -35.96
N THR B 77 -0.56 -19.51 -35.13
CA THR B 77 -1.76 -18.70 -35.14
C THR B 77 -1.99 -17.92 -33.86
N TRP B 78 -1.18 -18.12 -32.82
CA TRP B 78 -1.42 -17.39 -31.58
C TRP B 78 -0.97 -15.94 -31.70
N LYS B 79 -1.38 -15.15 -30.71
CA LYS B 79 -0.92 -13.78 -30.55
C LYS B 79 -0.64 -13.60 -29.08
N LEU B 80 0.59 -13.24 -28.74
CA LEU B 80 0.98 -12.98 -27.37
C LEU B 80 1.20 -11.48 -27.16
N THR B 81 0.58 -10.93 -26.13
CA THR B 81 0.83 -9.57 -25.68
C THR B 81 1.56 -9.64 -24.36
N CYS B 82 2.71 -8.99 -24.29
CA CYS B 82 3.51 -8.90 -23.08
C CYS B 82 3.29 -7.50 -22.53
N GLY B 83 2.50 -7.39 -21.48
CA GLY B 83 2.06 -6.10 -20.95
C GLY B 83 2.73 -5.79 -19.62
N ASP B 84 3.03 -4.51 -19.40
CA ASP B 84 3.53 -4.07 -18.10
C ASP B 84 3.32 -2.57 -18.03
N LEU B 85 3.30 -2.04 -16.80
CA LEU B 85 3.21 -0.60 -16.61
C LEU B 85 4.55 0.09 -16.85
N SER B 86 5.65 -0.63 -16.69
CA SER B 86 6.98 -0.03 -16.67
C SER B 86 7.61 -0.04 -18.04
N GLU B 87 7.95 1.15 -18.56
CA GLU B 87 8.66 1.22 -19.83
C GLU B 87 10.00 0.51 -19.77
N GLY B 88 10.72 0.62 -18.64
CA GLY B 88 12.00 -0.06 -18.52
C GLY B 88 11.86 -1.57 -18.53
N MET B 89 10.87 -2.11 -17.82
CA MET B 89 10.63 -3.54 -17.88
C MET B 89 10.34 -3.98 -19.31
N LEU B 90 9.56 -3.18 -20.03
CA LEU B 90 9.17 -3.58 -21.37
C LEU B 90 10.33 -3.51 -22.35
N GLU B 91 11.23 -2.54 -22.17
CA GLU B 91 12.41 -2.48 -23.03
C GLU B 91 13.27 -3.72 -22.84
N THR B 92 13.38 -4.20 -21.60
CA THR B 92 14.09 -5.44 -21.34
C THR B 92 13.38 -6.64 -21.96
N THR B 93 12.05 -6.69 -21.81
CA THR B 93 11.28 -7.78 -22.40
C THR B 93 11.40 -7.77 -23.92
N LYS B 94 11.41 -6.59 -24.52
CA LYS B 94 11.54 -6.50 -25.97
C LYS B 94 12.87 -7.08 -26.44
N ARG B 95 13.96 -6.82 -25.71
CA ARG B 95 15.24 -7.40 -26.09
C ARG B 95 15.20 -8.92 -25.98
N ARG B 96 14.58 -9.43 -24.91
CA ARG B 96 14.45 -10.87 -24.71
C ARG B 96 13.61 -11.51 -25.82
N LEU B 97 12.52 -10.84 -26.20
CA LEU B 97 11.67 -11.30 -27.29
C LEU B 97 12.49 -11.49 -28.55
N GLN B 98 13.38 -10.55 -28.83
CA GLN B 98 14.25 -10.64 -30.00
C GLN B 98 15.29 -11.72 -29.82
N ASP B 99 15.94 -11.77 -28.66
CA ASP B 99 17.06 -12.71 -28.46
C ASP B 99 16.57 -14.15 -28.47
N GLU B 100 15.41 -14.43 -27.88
CA GLU B 100 14.87 -15.78 -27.79
C GLU B 100 14.00 -16.15 -28.98
N GLY B 101 13.77 -15.21 -29.90
CA GLY B 101 13.03 -15.51 -31.10
C GLY B 101 11.55 -15.81 -30.87
N TRP B 102 10.91 -15.10 -29.95
CA TRP B 102 9.49 -15.36 -29.74
C TRP B 102 8.71 -15.10 -31.02
N VAL B 103 7.65 -15.86 -31.22
CA VAL B 103 6.85 -15.84 -32.44
C VAL B 103 5.53 -15.14 -32.15
N ASN B 104 5.14 -14.23 -33.03
CA ASN B 104 3.83 -13.56 -32.93
C ASN B 104 3.61 -12.92 -31.57
N ALA B 105 4.63 -12.23 -31.07
CA ALA B 105 4.59 -11.61 -29.76
C ALA B 105 4.87 -10.11 -29.90
N GLU B 106 4.28 -9.34 -28.98
CA GLU B 106 4.55 -7.91 -28.95
C GLU B 106 4.46 -7.42 -27.52
N THR B 107 5.25 -6.40 -27.21
CA THR B 107 5.17 -5.74 -25.93
C THR B 107 4.22 -4.55 -26.02
N LYS B 108 3.59 -4.23 -24.89
CA LYS B 108 2.63 -3.14 -24.85
C LYS B 108 2.56 -2.59 -23.43
N ILE B 109 2.54 -1.27 -23.29
CA ILE B 109 2.28 -0.70 -21.98
C ILE B 109 0.82 -0.98 -21.63
N VAL B 110 0.61 -1.70 -20.54
CA VAL B 110 -0.71 -2.08 -20.07
C VAL B 110 -0.75 -1.84 -18.57
N ASN B 111 -1.61 -0.94 -18.14
CA ASN B 111 -1.89 -0.72 -16.72
C ASN B 111 -2.93 -1.74 -16.29
N ALA B 112 -2.54 -2.66 -15.39
CA ALA B 112 -3.46 -3.72 -14.97
C ALA B 112 -4.72 -3.17 -14.32
N LEU B 113 -4.67 -1.96 -13.75
CA LEU B 113 -5.83 -1.36 -13.10
C LEU B 113 -6.84 -0.81 -14.10
N ASP B 114 -6.41 -0.60 -15.34
CA ASP B 114 -7.21 0.04 -16.38
C ASP B 114 -6.50 -0.23 -17.69
N THR B 115 -6.77 -1.39 -18.29
CA THR B 115 -5.86 -1.92 -19.30
C THR B 115 -6.03 -1.27 -20.67
N GLY B 116 -7.21 -0.70 -20.96
CA GLY B 116 -7.51 -0.24 -22.29
C GLY B 116 -7.72 -1.33 -23.32
N LEU B 117 -7.67 -2.59 -22.91
CA LEU B 117 -7.77 -3.72 -23.81
C LEU B 117 -9.24 -4.09 -24.04
N PRO B 118 -9.55 -4.81 -25.10
CA PRO B 118 -10.96 -5.03 -25.46
C PRO B 118 -11.66 -6.04 -24.56
N ASP B 119 -12.98 -5.86 -24.42
CA ASP B 119 -13.81 -6.87 -23.76
C ASP B 119 -13.67 -8.21 -24.48
N GLY B 120 -13.61 -9.28 -23.70
CA GLY B 120 -13.77 -10.61 -24.25
C GLY B 120 -12.76 -10.99 -25.30
N HIS B 121 -11.52 -10.53 -25.18
CA HIS B 121 -10.52 -10.66 -26.21
C HIS B 121 -9.61 -11.87 -26.03
N TYR B 122 -9.20 -12.17 -24.79
CA TYR B 122 -8.13 -13.11 -24.53
C TYR B 122 -8.66 -14.50 -24.18
N THR B 123 -7.98 -15.53 -24.68
CA THR B 123 -8.25 -16.88 -24.23
C THR B 123 -7.55 -17.17 -22.91
N HIS B 124 -6.43 -16.49 -22.63
CA HIS B 124 -5.66 -16.70 -21.43
C HIS B 124 -5.07 -15.39 -20.97
N VAL B 125 -5.14 -15.15 -19.66
CA VAL B 125 -4.47 -14.04 -19.01
C VAL B 125 -3.63 -14.62 -17.89
N PHE B 126 -2.34 -14.30 -17.89
CA PHE B 126 -1.41 -14.71 -16.85
C PHE B 126 -1.03 -13.51 -16.02
N VAL B 127 -1.05 -13.67 -14.70
CA VAL B 127 -0.61 -12.61 -13.79
C VAL B 127 0.37 -13.28 -12.83
N ALA B 128 1.65 -13.26 -13.16
CA ALA B 128 2.67 -13.90 -12.35
C ALA B 128 3.22 -12.86 -11.37
N PHE B 129 2.87 -13.01 -10.11
CA PHE B 129 3.36 -12.14 -9.04
C PHE B 129 3.07 -10.66 -9.33
N GLY B 130 1.87 -10.39 -9.82
CA GLY B 130 1.39 -9.04 -10.00
C GLY B 130 0.46 -8.57 -8.89
N PHE B 131 -0.44 -9.44 -8.42
CA PHE B 131 -1.52 -8.94 -7.56
C PHE B 131 -1.03 -8.33 -6.27
N GLN B 132 0.08 -8.80 -5.70
CA GLN B 132 0.60 -8.21 -4.47
C GLN B 132 1.46 -6.98 -4.72
N SER B 133 1.67 -6.62 -5.99
CA SER B 133 2.38 -5.41 -6.37
C SER B 133 1.48 -4.29 -6.88
N PHE B 134 0.26 -4.60 -7.36
CA PHE B 134 -0.62 -3.57 -7.86
C PHE B 134 -1.16 -2.73 -6.71
N PRO B 135 -1.47 -1.47 -6.95
CA PRO B 135 -2.10 -0.69 -5.87
C PRO B 135 -3.42 -1.28 -5.37
N ASP B 136 -4.22 -1.86 -6.27
CA ASP B 136 -5.51 -2.44 -5.89
C ASP B 136 -5.70 -3.71 -6.72
N ALA B 137 -5.56 -4.85 -6.06
CA ALA B 137 -5.64 -6.12 -6.77
C ALA B 137 -7.04 -6.37 -7.31
N ASN B 138 -8.07 -5.95 -6.58
CA ASN B 138 -9.44 -6.20 -7.00
C ASN B 138 -9.76 -5.50 -8.33
N ALA B 139 -9.30 -4.26 -8.48
CA ALA B 139 -9.51 -3.57 -9.75
C ALA B 139 -8.82 -4.30 -10.88
N ALA B 140 -7.61 -4.80 -10.64
CA ALA B 140 -6.91 -5.55 -11.68
C ALA B 140 -7.63 -6.86 -12.01
N LEU B 141 -8.15 -7.52 -10.98
CA LEU B 141 -8.85 -8.77 -11.17
C LEU B 141 -10.13 -8.56 -11.97
N LYS B 142 -10.86 -7.49 -11.68
CA LYS B 142 -12.04 -7.16 -12.48
C LYS B 142 -11.67 -6.91 -13.93
N GLU B 143 -10.54 -6.24 -14.17
CA GLU B 143 -10.08 -6.07 -15.54
C GLU B 143 -9.79 -7.40 -16.21
N CYS B 144 -9.12 -8.32 -15.51
CA CYS B 144 -8.87 -9.63 -16.07
C CYS B 144 -10.17 -10.32 -16.49
N PHE B 145 -11.18 -10.28 -15.62
CA PHE B 145 -12.47 -10.87 -15.97
C PHE B 145 -13.04 -10.22 -17.23
N ARG B 146 -12.99 -8.88 -17.30
CA ARG B 146 -13.57 -8.18 -18.44
C ARG B 146 -12.92 -8.57 -19.77
N ILE B 147 -11.59 -8.65 -19.78
CA ILE B 147 -10.85 -8.83 -21.03
C ILE B 147 -10.76 -10.26 -21.48
N LEU B 148 -11.10 -11.22 -20.63
CA LEU B 148 -11.14 -12.62 -21.03
C LEU B 148 -12.40 -12.89 -21.84
N ALA B 149 -12.24 -13.69 -22.89
CA ALA B 149 -13.39 -14.23 -23.59
C ALA B 149 -14.09 -15.26 -22.71
N SER B 150 -15.36 -15.52 -23.02
CA SER B 150 -16.04 -16.64 -22.39
CA SER B 150 -16.03 -16.63 -22.38
C SER B 150 -15.29 -17.92 -22.70
N GLY B 151 -15.09 -18.75 -21.68
CA GLY B 151 -14.23 -19.91 -21.79
C GLY B 151 -12.77 -19.62 -21.54
N GLY B 152 -12.43 -18.35 -21.33
CA GLY B 152 -11.05 -17.99 -21.08
C GLY B 152 -10.60 -18.31 -19.68
N ILE B 153 -9.28 -18.39 -19.52
CA ILE B 153 -8.65 -18.83 -18.27
C ILE B 153 -7.79 -17.71 -17.72
N LEU B 154 -8.01 -17.39 -16.44
CA LEU B 154 -7.07 -16.59 -15.67
C LEU B 154 -6.15 -17.53 -14.89
N ALA B 155 -4.85 -17.26 -14.94
CA ALA B 155 -3.86 -18.02 -14.15
C ALA B 155 -2.97 -17.02 -13.44
N SER B 156 -2.92 -17.10 -12.11
CA SER B 156 -2.08 -16.21 -11.34
C SER B 156 -1.22 -16.95 -10.33
N SER B 157 -0.09 -16.32 -10.00
CA SER B 157 0.76 -16.77 -8.91
C SER B 157 0.93 -15.62 -7.92
N THR B 158 0.80 -15.93 -6.64
CA THR B 158 1.02 -14.97 -5.57
C THR B 158 1.78 -15.68 -4.44
N TRP B 159 2.47 -14.90 -3.63
CA TRP B 159 3.29 -15.44 -2.57
C TRP B 159 2.47 -15.78 -1.35
N GLN B 160 2.75 -16.95 -0.76
CA GLN B 160 2.26 -17.30 0.56
C GLN B 160 3.36 -17.20 1.62
N ASN B 161 4.54 -17.76 1.35
CA ASN B 161 5.64 -17.70 2.29
C ASN B 161 6.94 -17.71 1.51
N PHE B 162 7.98 -17.13 2.09
CA PHE B 162 9.31 -17.17 1.50
C PHE B 162 10.36 -16.77 2.54
N ASN B 163 11.60 -17.23 2.33
CA ASN B 163 12.60 -17.05 3.36
C ASN B 163 13.53 -15.87 3.11
N TRP B 164 13.40 -15.16 1.99
CA TRP B 164 14.37 -14.11 1.73
C TRP B 164 14.16 -12.87 2.58
N ILE B 165 12.92 -12.49 2.85
CA ILE B 165 12.69 -11.40 3.78
C ILE B 165 13.23 -11.77 5.16
N PRO B 166 12.97 -12.96 5.70
CA PRO B 166 13.61 -13.33 6.97
C PRO B 166 15.13 -13.26 6.96
N ILE B 167 15.78 -13.60 5.86
CA ILE B 167 17.24 -13.47 5.80
C ILE B 167 17.65 -12.01 5.92
N MET B 168 16.96 -11.12 5.20
CA MET B 168 17.26 -9.70 5.31
C MET B 168 17.02 -9.21 6.73
N LYS B 169 15.94 -9.66 7.35
CA LYS B 169 15.65 -9.24 8.71
C LYS B 169 16.77 -9.67 9.67
N ALA B 170 17.27 -10.89 9.50
CA ALA B 170 18.37 -11.35 10.34
C ALA B 170 19.60 -10.46 10.15
N ALA B 171 19.87 -10.03 8.91
CA ALA B 171 20.99 -9.11 8.69
C ALA B 171 20.76 -7.78 9.40
N ILE B 172 19.57 -7.20 9.24
CA ILE B 172 19.26 -5.92 9.87
C ILE B 172 19.33 -6.03 11.37
N GLU B 173 18.98 -7.18 11.93
CA GLU B 173 18.99 -7.31 13.38
C GLU B 173 20.40 -7.38 13.95
N THR B 174 21.43 -7.50 13.11
CA THR B 174 22.80 -7.40 13.60
C THR B 174 23.25 -5.95 13.79
N ILE B 175 22.46 -4.98 13.36
CA ILE B 175 22.81 -3.57 13.52
C ILE B 175 22.41 -3.12 14.93
N PRO B 176 23.23 -2.33 15.62
CA PRO B 176 22.80 -1.74 16.90
C PRO B 176 21.57 -0.88 16.72
N GLY B 177 20.72 -0.85 17.73
CA GLY B 177 19.57 0.02 17.73
C GLY B 177 18.22 -0.65 17.54
N ASN B 178 18.16 -1.98 17.53
CA ASN B 178 16.88 -2.69 17.43
C ASN B 178 16.01 -2.11 16.32
N LEU B 179 16.56 -2.13 15.12
CA LEU B 179 15.90 -1.47 14.01
C LEU B 179 14.74 -2.32 13.49
N PRO B 180 13.62 -1.70 13.14
CA PRO B 180 12.47 -2.46 12.63
C PRO B 180 12.70 -3.00 11.23
N PHE B 181 11.99 -4.08 10.92
CA PHE B 181 12.01 -4.63 9.58
C PHE B 181 10.75 -5.48 9.44
N PRO B 182 10.07 -5.46 8.30
CA PRO B 182 8.83 -6.23 8.19
C PRO B 182 9.04 -7.73 8.28
N THR B 183 8.02 -8.41 8.83
CA THR B 183 7.92 -9.84 8.70
C THR B 183 7.51 -10.20 7.27
N GLN B 184 7.63 -11.49 6.94
CA GLN B 184 7.12 -11.98 5.66
C GLN B 184 5.70 -11.54 5.43
N LYS B 185 4.84 -11.74 6.43
CA LYS B 185 3.42 -11.47 6.27
C LYS B 185 3.17 -9.99 6.07
N GLU B 186 3.88 -9.14 6.82
CA GLU B 186 3.73 -7.70 6.61
C GLU B 186 4.20 -7.29 5.22
N PHE B 187 5.32 -7.85 4.77
CA PHE B 187 5.85 -7.45 3.48
C PHE B 187 4.88 -7.79 2.36
N ILE B 188 4.35 -9.01 2.35
CA ILE B 188 3.54 -9.44 1.21
CA ILE B 188 3.55 -9.44 1.21
C ILE B 188 2.19 -8.73 1.19
N ALA B 189 1.78 -8.14 2.30
CA ALA B 189 0.50 -7.47 2.41
C ALA B 189 0.61 -5.95 2.32
N LEU B 190 1.77 -5.42 1.92
CA LEU B 190 1.92 -3.98 1.92
C LEU B 190 0.95 -3.30 0.97
N HIS B 191 0.55 -3.94 -0.12
CA HIS B 191 -0.43 -3.38 -1.04
C HIS B 191 -1.78 -4.05 -0.95
N ASN B 192 -1.82 -5.38 -0.99
CA ASN B 192 -3.06 -6.15 -1.01
C ASN B 192 -2.88 -7.37 -0.12
N ALA B 193 -3.61 -7.40 0.97
CA ALA B 193 -3.63 -8.54 1.86
C ALA B 193 -4.60 -9.59 1.33
N GLY B 194 -4.36 -10.82 1.72
CA GLY B 194 -5.24 -11.91 1.41
C GLY B 194 -4.77 -12.82 0.30
N TRP B 195 -3.81 -12.38 -0.51
CA TRP B 195 -3.36 -13.19 -1.63
C TRP B 195 -2.39 -14.29 -1.21
N ASP B 196 -2.17 -14.45 0.10
CA ASP B 196 -1.52 -15.60 0.69
C ASP B 196 -2.51 -16.62 1.25
N SER B 197 -3.81 -16.42 1.00
CA SER B 197 -4.87 -17.25 1.57
C SER B 197 -5.66 -17.90 0.44
N GLU B 198 -5.71 -19.23 0.44
CA GLU B 198 -6.52 -19.94 -0.53
C GLU B 198 -7.99 -19.52 -0.45
N SER B 199 -8.51 -19.41 0.77
CA SER B 199 -9.94 -19.14 0.91
C SER B 199 -10.28 -17.72 0.45
N TYR B 200 -9.40 -16.76 0.74
CA TYR B 200 -9.62 -15.39 0.27
C TYR B 200 -9.65 -15.35 -1.25
N ILE B 201 -8.63 -15.92 -1.89
CA ILE B 201 -8.55 -15.88 -3.35
C ILE B 201 -9.76 -16.54 -3.96
N GLN B 202 -10.13 -17.72 -3.46
CA GLN B 202 -11.27 -18.41 -4.07
C GLN B 202 -12.53 -17.57 -3.99
N SER B 203 -12.75 -16.94 -2.84
CA SER B 203 -13.93 -16.09 -2.65
CA SER B 203 -13.93 -16.09 -2.66
C SER B 203 -13.88 -14.88 -3.56
N GLU B 204 -12.71 -14.26 -3.70
CA GLU B 204 -12.61 -13.07 -4.53
C GLU B 204 -12.89 -13.37 -5.99
N LEU B 205 -12.34 -14.47 -6.52
CA LEU B 205 -12.60 -14.80 -7.91
C LEU B 205 -14.06 -15.19 -8.11
N GLU B 206 -14.62 -15.95 -7.18
CA GLU B 206 -16.01 -16.37 -7.35
C GLU B 206 -16.95 -15.17 -7.30
N LYS B 207 -16.65 -14.18 -6.45
CA LYS B 207 -17.51 -12.99 -6.35
C LYS B 207 -17.60 -12.27 -7.69
N LEU B 208 -16.53 -12.31 -8.49
CA LEU B 208 -16.55 -11.62 -9.77
C LEU B 208 -17.17 -12.44 -10.87
N GLY B 209 -17.42 -13.72 -10.63
CA GLY B 209 -18.07 -14.57 -11.62
C GLY B 209 -17.18 -15.66 -12.18
N PHE B 210 -15.92 -15.75 -11.77
CA PHE B 210 -15.08 -16.86 -12.22
C PHE B 210 -15.63 -18.18 -11.70
N ARG B 211 -15.45 -19.22 -12.50
CA ARG B 211 -15.92 -20.56 -12.20
C ARG B 211 -14.75 -21.52 -12.14
N ASP B 212 -15.02 -22.70 -11.60
CA ASP B 212 -14.02 -23.77 -11.56
C ASP B 212 -12.70 -23.29 -10.95
N VAL B 213 -12.80 -22.51 -9.88
CA VAL B 213 -11.63 -21.86 -9.31
C VAL B 213 -10.83 -22.88 -8.49
N LYS B 214 -9.52 -22.89 -8.71
CA LYS B 214 -8.60 -23.77 -8.00
C LYS B 214 -7.45 -22.93 -7.49
N VAL B 215 -7.04 -23.16 -6.25
CA VAL B 215 -5.94 -22.40 -5.64
C VAL B 215 -5.04 -23.43 -4.98
N ILE B 216 -3.83 -23.60 -5.50
CA ILE B 216 -2.96 -24.70 -5.11
C ILE B 216 -1.67 -24.14 -4.53
N PRO B 217 -1.28 -24.49 -3.30
CA PRO B 217 0.03 -24.09 -2.78
C PRO B 217 1.12 -24.98 -3.37
N VAL B 218 2.18 -24.34 -3.86
CA VAL B 218 3.27 -25.06 -4.53
C VAL B 218 4.60 -24.66 -3.89
N PRO B 219 5.35 -25.59 -3.31
CA PRO B 219 6.67 -25.28 -2.77
C PRO B 219 7.76 -25.34 -3.84
N LYS B 220 8.72 -24.42 -3.76
CA LYS B 220 9.87 -24.46 -4.65
C LYS B 220 11.09 -23.95 -3.91
N GLU B 221 12.27 -24.44 -4.33
CA GLU B 221 13.52 -24.03 -3.71
C GLU B 221 14.56 -23.78 -4.79
N THR B 222 15.58 -23.01 -4.41
CA THR B 222 16.74 -22.79 -5.26
C THR B 222 17.85 -22.27 -4.36
N SER B 223 18.99 -21.96 -4.96
CA SER B 223 20.00 -21.17 -4.26
C SER B 223 20.60 -20.21 -5.26
N ILE B 224 21.06 -19.06 -4.76
CA ILE B 224 21.75 -18.12 -5.63
C ILE B 224 23.03 -17.64 -4.95
N PRO B 225 24.04 -17.23 -5.70
CA PRO B 225 25.29 -16.78 -5.08
CA PRO B 225 25.29 -16.79 -5.08
C PRO B 225 25.05 -15.56 -4.22
N ILE B 226 25.89 -15.41 -3.18
CA ILE B 226 25.72 -14.29 -2.26
C ILE B 226 25.72 -12.94 -2.99
N ASP B 227 26.49 -12.78 -4.07
CA ASP B 227 26.51 -11.49 -4.77
C ASP B 227 25.20 -11.20 -5.47
N GLU B 228 24.55 -12.22 -6.00
CA GLU B 228 23.24 -12.01 -6.63
C GLU B 228 22.18 -11.73 -5.57
N PHE B 229 22.26 -12.43 -4.45
CA PHE B 229 21.28 -12.18 -3.40
C PHE B 229 21.43 -10.79 -2.83
N PHE B 230 22.69 -10.31 -2.70
CA PHE B 230 22.93 -8.94 -2.30
C PHE B 230 22.16 -7.96 -3.19
N GLU B 231 22.14 -8.22 -4.50
CA GLU B 231 21.43 -7.31 -5.40
C GLU B 231 19.93 -7.34 -5.16
N VAL B 232 19.36 -8.53 -4.88
CA VAL B 232 17.94 -8.61 -4.53
C VAL B 232 17.67 -7.75 -3.30
N CYS B 233 18.55 -7.85 -2.30
CA CYS B 233 18.35 -7.07 -1.08
C CYS B 233 18.40 -5.58 -1.39
N MET B 234 19.34 -5.16 -2.23
CA MET B 234 19.49 -3.75 -2.55
C MET B 234 18.37 -3.22 -3.41
N MET B 235 17.65 -4.09 -4.10
CA MET B 235 16.48 -3.65 -4.86
C MET B 235 15.34 -3.31 -3.93
N ILE B 236 15.20 -4.06 -2.83
CA ILE B 236 14.02 -4.07 -1.95
C ILE B 236 14.19 -3.10 -0.80
N ILE B 237 15.33 -3.20 -0.12
CA ILE B 237 15.48 -2.52 1.16
C ILE B 237 15.33 -1.02 1.07
N PRO B 238 15.86 -0.33 0.05
CA PRO B 238 15.72 1.13 0.01
C PRO B 238 14.29 1.61 0.01
N TYR B 239 13.35 0.82 -0.52
CA TYR B 239 11.94 1.19 -0.51
C TYR B 239 11.22 0.82 0.77
N LEU B 240 11.81 -0.02 1.62
CA LEU B 240 11.24 -0.33 2.91
C LEU B 240 11.67 0.65 3.99
N LEU B 241 12.89 1.15 3.94
CA LEU B 241 13.37 1.98 5.04
C LEU B 241 12.55 3.25 5.25
N PRO B 242 12.07 3.94 4.21
CA PRO B 242 11.28 5.16 4.46
C PRO B 242 9.99 4.87 5.17
N LYS B 243 9.50 3.64 5.08
CA LYS B 243 8.27 3.18 5.72
C LYS B 243 8.50 2.64 7.13
N PHE B 244 9.62 1.98 7.38
CA PHE B 244 9.80 1.27 8.63
C PHE B 244 10.76 1.92 9.60
N TRP B 245 11.59 2.85 9.14
CA TRP B 245 12.54 3.53 9.99
C TRP B 245 12.22 5.02 10.10
N THR B 246 12.65 5.64 11.20
CA THR B 246 12.58 7.08 11.31
C THR B 246 13.69 7.74 10.49
N GLU B 247 13.53 9.03 10.24
CA GLU B 247 14.58 9.79 9.56
C GLU B 247 15.90 9.67 10.31
N GLU B 248 15.86 9.77 11.64
CA GLU B 248 17.08 9.66 12.43
C GLU B 248 17.73 8.28 12.28
N GLN B 249 16.92 7.22 12.29
CA GLN B 249 17.47 5.89 12.06
C GLN B 249 18.12 5.78 10.69
N ARG B 250 17.50 6.38 9.68
CA ARG B 250 18.09 6.34 8.35
C ARG B 250 19.40 7.11 8.32
N GLU B 251 19.42 8.30 8.92
CA GLU B 251 20.64 9.10 8.94
C GLU B 251 21.77 8.39 9.68
N SER B 252 21.43 7.60 10.69
CA SER B 252 22.42 6.92 11.50
C SER B 252 22.89 5.61 10.89
N HIS B 253 22.06 4.92 10.11
CA HIS B 253 22.34 3.54 9.73
C HIS B 253 22.15 3.20 8.26
N GLU B 254 21.38 3.97 7.48
CA GLU B 254 21.09 3.53 6.13
C GLU B 254 22.36 3.34 5.30
N LYS B 255 23.34 4.23 5.45
CA LYS B 255 24.57 4.12 4.68
C LYS B 255 25.36 2.87 5.02
N ASP B 256 25.12 2.27 6.19
CA ASP B 256 25.79 1.04 6.61
C ASP B 256 25.09 -0.21 6.13
N VAL B 257 23.86 -0.12 5.66
CA VAL B 257 23.12 -1.33 5.31
C VAL B 257 23.84 -2.17 4.26
N PRO B 258 24.38 -1.60 3.18
CA PRO B 258 25.07 -2.46 2.21
C PRO B 258 26.22 -3.27 2.82
N MET B 259 27.02 -2.65 3.67
CA MET B 259 28.13 -3.38 4.30
C MET B 259 27.59 -4.43 5.26
N VAL B 260 26.56 -4.09 6.02
CA VAL B 260 25.97 -5.06 6.94
C VAL B 260 25.48 -6.27 6.16
N LEU B 261 24.84 -6.04 5.02
CA LEU B 261 24.36 -7.16 4.20
C LEU B 261 25.51 -8.00 3.69
N ARG B 262 26.53 -7.35 3.13
CA ARG B 262 27.69 -8.10 2.64
C ARG B 262 28.26 -8.97 3.75
N GLN B 263 28.48 -8.38 4.92
CA GLN B 263 29.12 -9.12 6.01
C GLN B 263 28.24 -10.25 6.48
N TYR B 264 26.94 -9.99 6.65
CA TYR B 264 26.04 -11.05 7.09
C TYR B 264 26.05 -12.22 6.11
N LEU B 265 25.99 -11.91 4.82
CA LEU B 265 25.90 -12.98 3.83
C LEU B 265 27.18 -13.81 3.80
N GLN B 266 28.34 -13.16 3.79
CA GLN B 266 29.57 -13.94 3.73
CA GLN B 266 29.59 -13.92 3.75
C GLN B 266 29.80 -14.68 5.04
N ASP B 267 29.46 -14.08 6.18
CA ASP B 267 29.63 -14.76 7.46
C ASP B 267 28.70 -15.96 7.58
N THR B 268 27.49 -15.86 7.03
CA THR B 268 26.50 -16.90 7.22
C THR B 268 26.61 -18.01 6.18
N TYR B 269 26.90 -17.64 4.93
CA TYR B 269 26.86 -18.57 3.81
C TYR B 269 28.22 -18.85 3.20
N GLY B 270 29.24 -18.10 3.56
CA GLY B 270 30.57 -18.29 3.00
C GLY B 270 30.88 -17.23 1.96
N ALA B 271 32.16 -16.87 1.85
CA ALA B 271 32.61 -15.87 0.90
C ALA B 271 32.38 -16.29 -0.55
N ASN B 272 32.30 -17.59 -0.81
CA ASN B 272 31.97 -18.14 -2.12
C ASN B 272 30.65 -18.89 -2.08
N GLY B 273 29.80 -18.55 -1.13
CA GLY B 273 28.66 -19.37 -0.84
C GLY B 273 27.42 -19.06 -1.66
N GLN B 274 26.46 -19.96 -1.50
CA GLN B 274 25.13 -19.87 -2.09
C GLN B 274 24.14 -19.63 -0.96
N VAL B 275 23.14 -18.80 -1.23
CA VAL B 275 22.06 -18.54 -0.28
C VAL B 275 20.92 -19.49 -0.61
N PRO B 276 20.57 -20.42 0.27
CA PRO B 276 19.42 -21.31 0.03
C PRO B 276 18.11 -20.54 0.20
N LEU B 277 17.25 -20.66 -0.80
CA LEU B 277 15.98 -19.96 -0.83
C LEU B 277 14.84 -20.95 -0.98
N GLU B 278 13.69 -20.61 -0.40
CA GLU B 278 12.53 -21.46 -0.48
C GLU B 278 11.27 -20.61 -0.36
N ALA B 279 10.21 -21.09 -0.99
CA ALA B 279 8.97 -20.35 -1.01
C ALA B 279 7.80 -21.31 -1.17
N VAL B 280 6.62 -20.79 -0.85
CA VAL B 280 5.35 -21.39 -1.25
C VAL B 280 4.59 -20.29 -1.96
N ALA B 281 4.15 -20.56 -3.19
CA ALA B 281 3.28 -19.67 -3.94
C ALA B 281 1.93 -20.33 -4.14
N LEU B 282 0.90 -19.51 -4.20
CA LEU B 282 -0.45 -19.96 -4.52
C LEU B 282 -0.65 -19.82 -6.03
N ILE B 283 -0.97 -20.92 -6.68
CA ILE B 283 -1.20 -20.96 -8.11
C ILE B 283 -2.70 -21.07 -8.30
N THR B 284 -3.29 -20.01 -8.85
CA THR B 284 -4.74 -19.86 -8.98
C THR B 284 -5.14 -19.95 -10.44
N THR B 285 -6.19 -20.70 -10.72
CA THR B 285 -6.79 -20.69 -12.05
C THR B 285 -8.28 -20.52 -11.90
N GLY B 286 -8.87 -19.81 -12.86
CA GLY B 286 -10.30 -19.62 -12.89
C GLY B 286 -10.79 -19.49 -14.32
N LEU B 287 -12.04 -19.90 -14.53
CA LEU B 287 -12.68 -19.89 -15.84
C LEU B 287 -13.67 -18.74 -15.91
N LYS B 288 -13.60 -17.96 -16.98
CA LYS B 288 -14.64 -16.99 -17.23
C LYS B 288 -15.79 -17.67 -17.93
N PRO B 289 -17.02 -17.65 -17.36
CA PRO B 289 -18.16 -18.37 -17.94
C PRO B 289 -18.52 -17.93 -19.35
N SAH C . -3.90 12.89 13.32
CA SAH C . -3.74 13.99 12.37
CB SAH C . -2.90 13.56 11.17
CG SAH C . -3.48 12.47 10.28
SD SAH C . -2.60 12.32 8.69
C SAH C . -5.07 14.58 11.95
O SAH C . -6.10 14.10 12.42
OXT SAH C . -5.07 15.52 11.15
C5' SAH C . -1.64 10.83 9.02
C4' SAH C . -0.39 11.05 9.89
O4' SAH C . 0.26 9.80 10.07
C3' SAH C . 0.68 12.00 9.30
O3' SAH C . 0.99 13.06 10.19
C2' SAH C . 1.87 11.08 9.06
O2' SAH C . 3.16 11.66 9.11
C1' SAH C . 1.65 10.05 10.14
N9 SAH C . 2.35 8.79 9.96
C8 SAH C . 2.49 8.05 8.80
N7 SAH C . 3.15 6.91 9.11
C5 SAH C . 3.45 6.93 10.43
C6 SAH C . 4.09 6.03 11.26
N6 SAH C . 4.63 4.86 10.87
N1 SAH C . 4.16 6.37 12.58
C2 SAH C . 3.64 7.53 13.08
N3 SAH C . 3.00 8.41 12.28
C4 SAH C . 2.92 8.09 10.98
HN1 SAH C . -3.18 12.45 13.48
HN2 SAH C . -4.19 13.13 14.09
HA SAH C . -3.25 14.71 12.82
HB1 SAH C . -1.93 13.24 11.53
HB2 SAH C . -2.72 14.45 10.55
HG1 SAH C . -4.53 12.69 10.09
HG2 SAH C . -3.43 11.52 10.81
H5'1 SAH C . -1.33 10.39 8.07
H5'2 SAH C . -2.29 10.09 9.52
H4' SAH C . -0.71 11.45 10.86
H3' SAH C . 0.33 12.39 8.34
HO3' SAH C . 1.92 12.99 10.47
H2' SAH C . 1.74 10.59 8.09
HO2' SAH C . 3.67 11.28 9.85
H1' SAH C . 1.91 10.49 11.11
H8 SAH C . 2.14 8.35 7.82
HN61 SAH C . 4.59 4.59 9.89
HN62 SAH C . 5.09 4.26 11.54
H2 SAH C . 3.75 7.76 14.15
S SO4 D . -16.72 6.43 -6.10
O1 SO4 D . -17.81 7.25 -5.55
O2 SO4 D . -15.66 6.43 -5.15
O3 SO4 D . -17.19 5.07 -6.33
O4 SO4 D . -16.21 6.98 -7.35
S SO4 E . -19.71 -3.92 8.11
O1 SO4 E . -20.11 -2.56 7.75
O2 SO4 E . -19.44 -3.99 9.55
O3 SO4 E . -20.81 -4.84 7.79
O4 SO4 E . -18.52 -4.31 7.36
N SAH F . 5.51 -11.41 -14.04
CA SAH F . 6.94 -11.10 -13.80
CB SAH F . 7.12 -9.78 -13.02
CG SAH F . 6.56 -9.77 -11.60
SD SAH F . 7.15 -8.30 -10.68
C SAH F . 7.68 -12.24 -13.12
O SAH F . 8.90 -12.12 -12.91
OXT SAH F . 7.06 -13.27 -12.86
C5' SAH F . 5.66 -7.28 -10.74
C4' SAH F . 5.47 -6.52 -12.05
O4' SAH F . 4.28 -5.77 -11.92
C3' SAH F . 6.58 -5.53 -12.43
O3' SAH F . 7.08 -5.82 -13.74
C2' SAH F . 5.85 -4.19 -12.38
O2' SAH F . 6.30 -3.16 -13.24
C1' SAH F . 4.44 -4.60 -12.70
N9 SAH F . 3.40 -3.64 -12.30
C8 SAH F . 3.30 -2.93 -11.15
N7 SAH F . 2.14 -2.21 -11.18
C5 SAH F . 1.53 -2.47 -12.37
C6 SAH F . 0.35 -2.05 -12.94
N6 SAH F . -0.49 -1.18 -12.38
N1 SAH F . 0.04 -2.56 -14.17
C2 SAH F . 0.82 -3.46 -14.84
N3 SAH F . 1.99 -3.86 -14.28
C4 SAH F . 2.31 -3.38 -13.07
HN1 SAH F . 5.02 -10.71 -14.16
HN2 SAH F . 5.38 -12.00 -14.65
HA SAH F . 7.35 -10.97 -14.68
HB1 SAH F . 6.64 -8.98 -13.59
HB2 SAH F . 8.18 -9.56 -12.98
HG1 SAH F . 6.87 -10.67 -11.08
HG2 SAH F . 5.47 -9.76 -11.64
H5'1 SAH F . 5.69 -6.56 -9.93
H5'2 SAH F . 4.79 -7.91 -10.58
H4' SAH F . 5.37 -7.25 -12.86
H3' SAH F . 7.37 -5.56 -11.69
HO3' SAH F . 6.87 -5.07 -14.35
H2' SAH F . 5.88 -3.84 -11.34
HO2' SAH F . 5.59 -2.94 -13.87
H1' SAH F . 4.37 -4.83 -13.76
H8 SAH F . 4.01 -2.92 -10.33
HN61 SAH F . -0.29 -0.79 -11.47
HN62 SAH F . -1.35 -0.91 -12.87
H2 SAH F . 0.42 -4.00 -15.70
S SO4 G . 9.06 -13.84 9.76
O1 SO4 G . 9.91 -12.80 10.34
O2 SO4 G . 7.98 -14.12 10.68
O3 SO4 G . 9.81 -15.07 9.54
O4 SO4 G . 8.53 -13.33 8.52
S SO4 H . 3.54 3.08 -1.49
O1 SO4 H . 3.49 4.25 -0.62
O2 SO4 H . 4.47 2.10 -0.94
O3 SO4 H . 2.21 2.49 -1.58
O4 SO4 H . 4.00 3.48 -2.82
S SO4 I . -6.86 -20.29 4.35
O1 SO4 I . -6.20 -18.99 4.26
O2 SO4 I . -5.91 -21.28 4.85
O3 SO4 I . -7.35 -20.70 3.05
O4 SO4 I . -7.99 -20.19 5.29
#